data_1N4K
#
_entry.id   1N4K
#
_cell.length_a   44.101
_cell.length_b   90.420
_cell.length_c   207.117
_cell.angle_alpha   90.00
_cell.angle_beta   90.00
_cell.angle_gamma   90.00
#
_symmetry.space_group_name_H-M   'C 2 2 21'
#
loop_
_entity.id
_entity.type
_entity.pdbx_description
1 polymer 'Inositol 1,4,5-trisphosphate receptor type 1'
2 non-polymer D-MYO-INOSITOL-1,4,5-TRIPHOSPHATE
3 water water
#
_entity_poly.entity_id   1
_entity_poly.type   'polypeptide(L)'
_entity_poly.pdbx_seq_one_letter_code
;MKWSDNKDDILKGGDVVRLFHAEQEKFLTCDEHRKKQHVFLRTTGRQSATSATSSKALWEVEVVQHDPCRGGAGYWNSLF
RFKHLATGHYLAAEVDPDFEEECLEFQPSVDPDQDASRSRLRNAQEKMVYSLVSVPEGNDISSIFELDPTTLRGGDSLVP
RNSYVRLRHLCTNTWVHSTNIPIDKEEEKPVMLKIGTSPLKEDKEAFAIVPVSPAEVRDLDFANDASKVLGSIAGKLEKG
TITQNERRSVTKLLEDLVYFVTGGTNSGQDVLEVVFSKPNRERQKLMREQNILKQIFKLLQAPFTDCGDGPMLRLEELGD
QRHAPFRHICRLCYRVLRHSQQDYRKNQEYIAKQFGFMQKQIGYDVLAEDTITALLHNNRK
;
_entity_poly.pdbx_strand_id   A
#
loop_
_chem_comp.id
_chem_comp.type
_chem_comp.name
_chem_comp.formula
I3P non-polymer D-MYO-INOSITOL-1,4,5-TRIPHOSPHATE 'C6 H15 O15 P3'
#
# COMPACT_ATOMS: atom_id res chain seq x y z
N GLY A 13 -5.67 7.33 -22.18
CA GLY A 13 -7.02 7.56 -21.57
C GLY A 13 -7.50 6.32 -20.84
N GLY A 14 -7.29 6.28 -19.53
CA GLY A 14 -7.70 5.13 -18.76
C GLY A 14 -6.55 4.16 -18.55
N ASP A 15 -5.44 4.39 -19.26
CA ASP A 15 -4.28 3.53 -19.14
C ASP A 15 -3.59 3.75 -17.79
N VAL A 16 -3.03 2.67 -17.26
CA VAL A 16 -2.32 2.74 -16.00
C VAL A 16 -0.84 2.59 -16.32
N VAL A 17 -0.01 3.42 -15.72
CA VAL A 17 1.42 3.38 -15.99
C VAL A 17 2.25 3.76 -14.78
N ARG A 18 3.55 3.57 -14.93
CA ARG A 18 4.52 3.97 -13.92
C ARG A 18 5.34 5.05 -14.61
N LEU A 19 5.76 6.05 -13.86
CA LEU A 19 6.56 7.13 -14.42
C LEU A 19 7.96 6.96 -13.84
N PHE A 20 8.87 6.49 -14.70
CA PHE A 20 10.25 6.22 -14.33
C PHE A 20 11.18 7.37 -14.71
N HIS A 21 11.83 7.98 -13.73
CA HIS A 21 12.74 9.08 -14.01
C HIS A 21 14.03 8.51 -14.59
N ALA A 22 14.24 8.76 -15.89
CA ALA A 22 15.41 8.27 -16.60
C ALA A 22 16.76 8.53 -15.94
N GLU A 23 17.04 9.78 -15.60
CA GLU A 23 18.31 10.15 -14.99
C GLU A 23 18.48 9.65 -13.56
N GLN A 24 17.43 9.76 -12.77
CA GLN A 24 17.46 9.31 -11.38
C GLN A 24 17.32 7.80 -11.24
N GLU A 25 16.72 7.16 -12.24
CA GLU A 25 16.50 5.71 -12.22
C GLU A 25 15.57 5.39 -11.05
N LYS A 26 14.52 6.19 -10.88
CA LYS A 26 13.56 6.01 -9.79
C LYS A 26 12.12 6.25 -10.29
N PHE A 27 11.16 5.52 -9.73
CA PHE A 27 9.76 5.69 -10.11
C PHE A 27 9.05 6.78 -9.33
N LEU A 28 8.12 7.47 -10.00
CA LEU A 28 7.34 8.53 -9.36
C LEU A 28 6.33 7.82 -8.47
N THR A 29 6.42 8.02 -7.17
CA THR A 29 5.49 7.34 -6.28
C THR A 29 4.85 8.26 -5.26
N CYS A 30 3.74 7.79 -4.70
CA CYS A 30 3.00 8.55 -3.71
C CYS A 30 2.73 7.63 -2.53
N ASP A 31 3.11 8.08 -1.34
CA ASP A 31 2.92 7.29 -0.14
C ASP A 31 2.81 8.20 1.07
N GLU A 32 2.44 7.62 2.20
CA GLU A 32 2.27 8.36 3.44
C GLU A 32 3.53 8.32 4.29
N HIS A 33 3.88 9.45 4.88
CA HIS A 33 5.04 9.55 5.76
C HIS A 33 4.76 10.63 6.79
N ARG A 34 5.06 10.34 8.05
CA ARG A 34 4.82 11.30 9.12
C ARG A 34 3.32 11.61 9.11
N LYS A 35 2.52 10.59 8.78
CA LYS A 35 1.08 10.70 8.73
C LYS A 35 0.61 11.76 7.73
N LYS A 36 1.24 11.78 6.56
CA LYS A 36 0.91 12.73 5.50
C LYS A 36 1.27 12.15 4.14
N GLN A 37 0.51 12.53 3.11
CA GLN A 37 0.76 12.04 1.75
C GLN A 37 1.83 12.89 1.06
N HIS A 38 2.78 12.22 0.44
CA HIS A 38 3.87 12.88 -0.27
C HIS A 38 4.06 12.26 -1.65
N VAL A 39 4.52 13.07 -2.60
CA VAL A 39 4.81 12.59 -3.94
C VAL A 39 6.33 12.67 -3.99
N PHE A 40 6.98 11.66 -4.54
CA PHE A 40 8.43 11.66 -4.58
C PHE A 40 9.01 10.59 -5.50
N LEU A 41 10.34 10.64 -5.68
CA LEU A 41 11.04 9.65 -6.47
C LEU A 41 11.59 8.70 -5.40
N ARG A 42 11.36 7.42 -5.58
CA ARG A 42 11.81 6.44 -4.60
C ARG A 42 13.14 5.78 -4.91
N THR A 43 14.06 5.87 -3.97
CA THR A 43 15.38 5.27 -4.09
C THR A 43 15.24 3.79 -3.78
N THR A 44 15.81 2.95 -4.65
CA THR A 44 15.75 1.51 -4.47
C THR A 44 17.13 0.91 -4.19
N GLY A 45 17.16 -0.15 -3.39
CA GLY A 45 18.40 -0.82 -3.08
C GLY A 45 18.69 -1.95 -4.06
N ARG A 46 17.74 -2.23 -4.93
CA ARG A 46 17.88 -3.29 -5.92
C ARG A 46 18.99 -2.95 -6.92
N GLN A 47 19.49 -3.97 -7.62
CA GLN A 47 20.55 -3.78 -8.60
C GLN A 47 19.92 -3.77 -9.99
N SER A 48 18.65 -3.40 -10.04
CA SER A 48 17.88 -3.33 -11.27
C SER A 48 16.71 -2.37 -11.00
N ALA A 49 16.97 -1.09 -11.24
CA ALA A 49 15.99 -0.02 -11.03
C ALA A 49 14.55 -0.32 -11.47
N THR A 50 14.39 -0.99 -12.61
CA THR A 50 13.06 -1.29 -13.11
C THR A 50 12.34 -2.40 -12.35
N SER A 51 13.04 -3.07 -11.44
CA SER A 51 12.44 -4.15 -10.66
C SER A 51 11.80 -3.65 -9.37
N ALA A 52 12.04 -2.38 -9.04
CA ALA A 52 11.48 -1.78 -7.83
C ALA A 52 10.05 -1.34 -8.11
N THR A 53 9.19 -2.31 -8.40
CA THR A 53 7.79 -2.03 -8.71
C THR A 53 6.87 -2.08 -7.50
N SER A 54 6.29 -0.92 -7.19
CA SER A 54 5.38 -0.78 -6.05
C SER A 54 3.99 -0.33 -6.51
N SER A 55 2.97 -0.88 -5.86
CA SER A 55 1.59 -0.52 -6.19
C SER A 55 1.37 0.97 -5.94
N LYS A 56 2.25 1.57 -5.14
CA LYS A 56 2.15 2.99 -4.82
C LYS A 56 2.74 3.89 -5.90
N ALA A 57 3.17 3.27 -6.99
CA ALA A 57 3.75 4.01 -8.11
C ALA A 57 2.87 3.88 -9.35
N LEU A 58 1.67 3.33 -9.19
CA LEU A 58 0.75 3.18 -10.30
C LEU A 58 -0.11 4.42 -10.50
N TRP A 59 -0.12 4.95 -11.72
CA TRP A 59 -0.91 6.14 -12.03
C TRP A 59 -1.86 5.86 -13.19
N GLU A 60 -3.09 6.34 -13.07
CA GLU A 60 -4.07 6.18 -14.13
C GLU A 60 -4.15 7.49 -14.90
N VAL A 61 -3.90 7.41 -16.20
CA VAL A 61 -3.94 8.59 -17.06
C VAL A 61 -5.34 9.02 -17.43
N GLU A 62 -5.58 10.32 -17.34
CA GLU A 62 -6.86 10.91 -17.67
C GLU A 62 -6.65 11.97 -18.75
N VAL A 63 -7.39 11.86 -19.85
CA VAL A 63 -7.29 12.85 -20.92
C VAL A 63 -8.17 14.02 -20.57
N VAL A 64 -7.57 15.19 -20.37
CA VAL A 64 -8.33 16.38 -20.03
C VAL A 64 -9.17 16.80 -21.23
N GLN A 65 -8.52 16.97 -22.38
CA GLN A 65 -9.20 17.35 -23.61
C GLN A 65 -8.17 17.53 -24.72
N LEU A 79 -4.00 18.92 -20.78
CA LEU A 79 -4.01 17.76 -21.67
C LEU A 79 -4.13 16.44 -20.90
N PHE A 80 -3.36 16.31 -19.82
CA PHE A 80 -3.38 15.09 -19.02
C PHE A 80 -3.42 15.32 -17.51
N ARG A 81 -4.01 14.36 -16.82
CA ARG A 81 -4.11 14.38 -15.38
C ARG A 81 -3.68 12.98 -14.93
N PHE A 82 -3.08 12.87 -13.74
CA PHE A 82 -2.65 11.57 -13.26
C PHE A 82 -3.27 11.21 -11.91
N LYS A 83 -4.02 10.11 -11.91
CA LYS A 83 -4.71 9.62 -10.72
C LYS A 83 -3.92 8.51 -10.03
N HIS A 84 -3.57 8.74 -8.77
CA HIS A 84 -2.82 7.75 -7.98
C HIS A 84 -3.81 6.63 -7.65
N LEU A 85 -3.65 5.50 -8.29
CA LEU A 85 -4.57 4.37 -8.11
C LEU A 85 -4.74 3.84 -6.69
N ALA A 86 -3.67 3.85 -5.90
CA ALA A 86 -3.72 3.34 -4.53
C ALA A 86 -4.44 4.24 -3.53
N THR A 87 -4.66 5.50 -3.86
CA THR A 87 -5.34 6.41 -2.93
C THR A 87 -6.46 7.20 -3.58
N GLY A 88 -6.48 7.20 -4.90
CA GLY A 88 -7.53 7.92 -5.61
C GLY A 88 -7.26 9.41 -5.77
N HIS A 89 -6.18 9.89 -5.16
CA HIS A 89 -5.84 11.31 -5.27
C HIS A 89 -5.18 11.60 -6.62
N TYR A 90 -4.92 12.87 -6.89
CA TYR A 90 -4.30 13.27 -8.15
C TYR A 90 -2.97 13.98 -7.98
N LEU A 91 -2.13 13.85 -9.00
CA LEU A 91 -0.83 14.50 -9.00
C LEU A 91 -1.06 15.99 -9.22
N ALA A 92 -0.31 16.82 -8.52
CA ALA A 92 -0.43 18.27 -8.65
C ALA A 92 0.87 18.92 -8.23
N ALA A 93 0.89 20.25 -8.22
CA ALA A 93 2.07 21.00 -7.83
C ALA A 93 1.62 22.30 -7.19
N GLU A 94 2.32 22.73 -6.14
CA GLU A 94 2.00 23.97 -5.45
C GLU A 94 3.23 24.54 -4.77
N VAL A 95 3.19 25.83 -4.46
CA VAL A 95 4.30 26.50 -3.81
C VAL A 95 4.74 25.74 -2.55
N ASP A 96 6.05 25.49 -2.46
CA ASP A 96 6.62 24.78 -1.32
C ASP A 96 7.01 25.74 -0.20
N MET A 128 13.88 26.42 -8.06
CA MET A 128 12.58 25.77 -8.00
C MET A 128 11.72 26.41 -6.93
N VAL A 129 10.46 26.69 -7.27
CA VAL A 129 9.53 27.31 -6.33
C VAL A 129 8.38 26.38 -5.95
N TYR A 130 7.98 25.53 -6.89
CA TYR A 130 6.88 24.60 -6.64
C TYR A 130 7.40 23.19 -6.42
N SER A 131 6.56 22.37 -5.79
CA SER A 131 6.90 20.98 -5.53
C SER A 131 5.68 20.14 -5.84
N LEU A 132 5.91 18.94 -6.37
CA LEU A 132 4.82 18.04 -6.70
C LEU A 132 4.16 17.56 -5.42
N VAL A 133 2.84 17.46 -5.44
CA VAL A 133 2.08 17.03 -4.28
C VAL A 133 0.90 16.17 -4.71
N SER A 134 0.18 15.66 -3.72
CA SER A 134 -0.98 14.83 -3.92
C SER A 134 -2.20 15.64 -3.46
N VAL A 135 -3.27 15.61 -4.23
CA VAL A 135 -4.49 16.35 -3.86
C VAL A 135 -5.73 15.47 -3.98
N PRO A 136 -6.69 15.66 -3.06
CA PRO A 136 -7.96 14.92 -2.98
C PRO A 136 -8.76 14.78 -4.26
N GLU A 137 -8.94 15.86 -5.01
CA GLU A 137 -9.73 15.79 -6.23
C GLU A 137 -9.03 16.29 -7.48
N GLY A 138 -9.57 15.91 -8.63
CA GLY A 138 -9.01 16.32 -9.90
C GLY A 138 -9.91 17.31 -10.61
N ASN A 139 -10.17 18.45 -9.97
CA ASN A 139 -11.02 19.49 -10.54
C ASN A 139 -10.18 20.71 -10.87
N ASP A 140 -9.33 21.11 -9.92
CA ASP A 140 -8.47 22.28 -10.09
C ASP A 140 -7.65 22.19 -11.38
N ILE A 141 -7.08 23.31 -11.78
CA ILE A 141 -6.25 23.37 -12.98
C ILE A 141 -4.83 22.98 -12.58
N SER A 142 -4.58 22.95 -11.27
CA SER A 142 -3.26 22.62 -10.74
C SER A 142 -2.87 21.16 -10.95
N SER A 143 -3.84 20.31 -11.29
CA SER A 143 -3.53 18.89 -11.49
C SER A 143 -3.44 18.53 -12.97
N ILE A 144 -3.31 19.54 -13.83
CA ILE A 144 -3.21 19.30 -15.26
C ILE A 144 -1.77 19.44 -15.71
N PHE A 145 -1.29 18.43 -16.43
CA PHE A 145 0.09 18.45 -16.93
C PHE A 145 0.10 18.27 -18.44
N GLU A 146 1.20 18.69 -19.05
CA GLU A 146 1.37 18.58 -20.49
C GLU A 146 2.59 17.69 -20.74
N LEU A 147 2.44 16.72 -21.64
CA LEU A 147 3.54 15.82 -21.96
C LEU A 147 4.28 16.32 -23.20
N ASP A 148 5.59 16.52 -23.06
CA ASP A 148 6.42 17.00 -24.16
C ASP A 148 7.57 16.03 -24.45
N PRO A 149 7.38 15.14 -25.44
CA PRO A 149 8.41 14.16 -25.81
C PRO A 149 9.63 14.83 -26.46
N TYR A 164 9.91 8.40 -23.87
CA TYR A 164 10.47 9.45 -23.01
C TYR A 164 9.74 10.76 -23.20
N VAL A 165 9.27 11.35 -22.09
CA VAL A 165 8.56 12.61 -22.15
C VAL A 165 8.85 13.49 -20.93
N ARG A 166 8.81 14.80 -21.15
CA ARG A 166 9.01 15.75 -20.07
C ARG A 166 7.63 16.21 -19.67
N LEU A 167 7.45 16.56 -18.40
CA LEU A 167 6.15 17.00 -17.91
C LEU A 167 6.12 18.48 -17.55
N ARG A 168 5.21 19.22 -18.18
CA ARG A 168 5.06 20.64 -17.89
C ARG A 168 3.77 20.89 -17.12
N HIS A 169 3.89 21.59 -16.01
CA HIS A 169 2.74 21.92 -15.18
C HIS A 169 2.08 23.14 -15.80
N LEU A 170 1.00 22.93 -16.54
CA LEU A 170 0.29 24.03 -17.20
C LEU A 170 0.11 25.27 -16.32
N CYS A 171 -0.66 25.11 -15.25
CA CYS A 171 -0.95 26.19 -14.32
C CYS A 171 0.19 27.18 -14.07
N THR A 172 1.40 26.66 -13.83
CA THR A 172 2.55 27.51 -13.54
C THR A 172 3.56 27.60 -14.68
N ASN A 173 3.38 26.77 -15.70
CA ASN A 173 4.28 26.74 -16.86
C ASN A 173 5.71 26.35 -16.45
N THR A 174 5.82 25.39 -15.54
CA THR A 174 7.12 24.91 -15.07
C THR A 174 7.30 23.46 -15.49
N TRP A 175 8.53 22.96 -15.46
CA TRP A 175 8.82 21.58 -15.85
C TRP A 175 9.27 20.72 -14.67
N VAL A 176 8.69 19.53 -14.56
CA VAL A 176 9.03 18.61 -13.48
C VAL A 176 10.53 18.38 -13.41
N HIS A 177 11.11 18.68 -12.25
CA HIS A 177 12.54 18.54 -12.04
C HIS A 177 12.78 17.76 -10.75
N SER A 178 13.74 16.84 -10.78
CA SER A 178 14.07 16.04 -9.62
C SER A 178 15.00 16.78 -8.68
N THR A 179 15.12 16.26 -7.45
CA THR A 179 16.00 16.86 -6.44
C THR A 179 16.58 15.76 -5.56
N ASN A 180 17.57 16.13 -4.75
CA ASN A 180 18.19 15.17 -3.84
C ASN A 180 17.74 15.45 -2.41
N ILE A 181 16.73 16.31 -2.28
CA ILE A 181 16.20 16.66 -0.99
C ILE A 181 15.29 15.54 -0.49
N PRO A 182 15.73 14.81 0.55
CA PRO A 182 14.95 13.70 1.11
C PRO A 182 13.80 14.20 1.97
N ILE A 183 12.70 13.45 1.98
CA ILE A 183 11.53 13.80 2.77
C ILE A 183 11.61 13.11 4.12
N ASP A 184 12.11 11.87 4.12
CA ASP A 184 12.27 11.09 5.33
C ASP A 184 13.64 11.31 5.97
N LYS A 185 13.84 12.54 6.45
CA LYS A 185 15.09 12.96 7.08
C LYS A 185 15.49 12.06 8.25
N GLU A 186 14.64 12.02 9.27
CA GLU A 186 14.89 11.23 10.47
C GLU A 186 15.38 9.82 10.17
N GLU A 187 14.86 9.24 9.10
CA GLU A 187 15.23 7.89 8.69
C GLU A 187 16.69 7.75 8.28
N GLU A 188 17.26 6.60 8.61
CA GLU A 188 18.65 6.32 8.25
C GLU A 188 18.61 5.92 6.78
N LYS A 189 19.41 6.58 5.95
CA LYS A 189 19.43 6.28 4.53
C LYS A 189 18.01 6.48 3.98
N PRO A 190 17.55 7.74 3.92
CA PRO A 190 16.20 8.04 3.40
C PRO A 190 16.02 7.57 1.97
N VAL A 191 14.79 7.30 1.58
CA VAL A 191 14.51 6.84 0.22
C VAL A 191 13.46 7.69 -0.49
N MET A 192 12.90 8.68 0.20
CA MET A 192 11.88 9.56 -0.38
C MET A 192 12.51 10.89 -0.82
N LEU A 193 12.68 11.06 -2.13
CA LEU A 193 13.27 12.30 -2.65
C LEU A 193 12.19 13.23 -3.21
N LYS A 194 12.16 14.47 -2.71
CA LYS A 194 11.19 15.46 -3.16
C LYS A 194 11.33 15.74 -4.64
N ILE A 195 10.22 16.11 -5.28
CA ILE A 195 10.23 16.41 -6.70
C ILE A 195 9.58 17.79 -6.90
N GLY A 196 10.26 18.65 -7.64
CA GLY A 196 9.73 19.98 -7.87
C GLY A 196 9.66 20.32 -9.35
N THR A 197 9.43 21.59 -9.64
CA THR A 197 9.36 22.05 -11.03
C THR A 197 10.29 23.25 -11.20
N SER A 198 10.99 23.29 -12.32
CA SER A 198 11.89 24.40 -12.61
C SER A 198 11.33 25.19 -13.79
N PRO A 199 11.61 26.50 -13.85
CA PRO A 199 11.11 27.32 -14.94
C PRO A 199 11.79 26.98 -16.26
N LEU A 200 12.94 26.31 -16.16
CA LEU A 200 13.71 25.92 -17.34
C LEU A 200 13.48 24.48 -17.74
N LYS A 201 13.39 24.25 -19.05
CA LYS A 201 13.18 22.91 -19.59
C LYS A 201 14.53 22.19 -19.70
N GLU A 202 14.76 21.25 -18.78
CA GLU A 202 16.02 20.49 -18.77
C GLU A 202 15.98 19.38 -19.81
N ASP A 203 17.09 18.64 -19.92
CA ASP A 203 17.18 17.55 -20.88
C ASP A 203 17.22 16.20 -20.17
N LYS A 204 17.89 16.17 -19.02
CA LYS A 204 18.01 14.95 -18.25
C LYS A 204 16.94 14.84 -17.18
N GLU A 205 15.76 15.39 -17.47
CA GLU A 205 14.64 15.36 -16.54
C GLU A 205 13.42 14.78 -17.24
N ALA A 206 13.66 13.75 -18.05
CA ALA A 206 12.61 13.08 -18.79
C ALA A 206 12.11 11.85 -18.04
N PHE A 207 10.89 11.44 -18.36
CA PHE A 207 10.30 10.26 -17.75
C PHE A 207 9.96 9.23 -18.80
N ALA A 208 10.18 7.96 -18.48
CA ALA A 208 9.84 6.89 -19.39
C ALA A 208 8.46 6.45 -18.94
N ILE A 209 7.52 6.35 -19.88
CA ILE A 209 6.17 5.92 -19.57
C ILE A 209 6.16 4.41 -19.65
N VAL A 210 6.11 3.77 -18.48
CA VAL A 210 6.12 2.32 -18.42
C VAL A 210 4.71 1.74 -18.30
N PRO A 211 4.24 1.03 -19.33
CA PRO A 211 2.90 0.44 -19.31
C PRO A 211 2.79 -0.61 -18.20
N VAL A 212 1.61 -0.70 -17.60
CA VAL A 212 1.38 -1.64 -16.51
C VAL A 212 0.40 -2.72 -16.98
N SER A 213 0.70 -3.98 -16.66
CA SER A 213 -0.14 -5.08 -17.07
C SER A 213 -1.51 -5.09 -16.38
N PRO A 214 -2.54 -5.55 -17.11
CA PRO A 214 -3.92 -5.63 -16.62
C PRO A 214 -4.00 -6.42 -15.30
N ALA A 215 -3.23 -7.49 -15.22
CA ALA A 215 -3.20 -8.34 -14.03
C ALA A 215 -2.80 -7.55 -12.79
N GLU A 216 -1.73 -6.77 -12.89
CA GLU A 216 -1.29 -5.99 -11.75
C GLU A 216 -2.36 -4.98 -11.33
N VAL A 217 -3.09 -4.46 -12.31
CA VAL A 217 -4.15 -3.50 -12.02
C VAL A 217 -5.30 -4.21 -11.30
N ARG A 218 -5.68 -5.38 -11.82
CA ARG A 218 -6.76 -6.15 -11.21
C ARG A 218 -6.37 -6.54 -9.78
N ASP A 219 -5.11 -6.91 -9.60
CA ASP A 219 -4.62 -7.30 -8.28
C ASP A 219 -4.74 -6.15 -7.28
N LEU A 220 -4.35 -4.96 -7.70
CA LEU A 220 -4.42 -3.79 -6.83
C LEU A 220 -5.87 -3.48 -6.45
N ASP A 221 -6.77 -3.59 -7.42
CA ASP A 221 -8.19 -3.32 -7.18
C ASP A 221 -8.74 -4.26 -6.11
N PHE A 222 -8.37 -5.53 -6.17
CA PHE A 222 -8.82 -6.51 -5.20
C PHE A 222 -8.20 -6.24 -3.81
N ALA A 223 -6.90 -5.99 -3.78
CA ALA A 223 -6.20 -5.73 -2.53
C ALA A 223 -6.72 -4.49 -1.84
N ASN A 224 -7.04 -3.47 -2.64
CA ASN A 224 -7.55 -2.22 -2.14
C ASN A 224 -8.93 -2.40 -1.50
N ASP A 225 -9.76 -3.21 -2.15
CA ASP A 225 -11.10 -3.50 -1.63
C ASP A 225 -10.99 -4.35 -0.36
N ALA A 226 -10.10 -5.36 -0.40
CA ALA A 226 -9.91 -6.25 0.75
C ALA A 226 -9.49 -5.45 1.98
N SER A 227 -8.56 -4.51 1.76
CA SER A 227 -8.04 -3.68 2.83
C SER A 227 -9.14 -2.87 3.52
N LYS A 228 -10.07 -2.35 2.72
CA LYS A 228 -11.18 -1.56 3.25
C LYS A 228 -12.13 -2.41 4.07
N VAL A 229 -12.47 -3.59 3.55
CA VAL A 229 -13.38 -4.51 4.23
C VAL A 229 -12.80 -4.96 5.56
N LEU A 230 -11.52 -5.36 5.55
CA LEU A 230 -10.85 -5.80 6.76
C LEU A 230 -10.76 -4.68 7.80
N GLY A 231 -10.44 -3.48 7.34
CA GLY A 231 -10.35 -2.36 8.26
C GLY A 231 -11.70 -2.04 8.87
N SER A 232 -12.73 -2.07 8.03
CA SER A 232 -14.08 -1.81 8.46
C SER A 232 -14.51 -2.83 9.52
N ILE A 233 -14.49 -4.10 9.14
CA ILE A 233 -14.88 -5.17 10.05
C ILE A 233 -14.05 -5.15 11.32
N ALA A 234 -12.76 -4.87 11.20
CA ALA A 234 -11.89 -4.82 12.37
C ALA A 234 -12.35 -3.76 13.36
N GLY A 235 -12.71 -2.59 12.84
CA GLY A 235 -13.18 -1.51 13.70
C GLY A 235 -14.43 -1.89 14.46
N LYS A 236 -15.33 -2.59 13.78
CA LYS A 236 -16.58 -3.03 14.39
C LYS A 236 -16.28 -4.05 15.50
N LEU A 237 -15.42 -5.00 15.17
CA LEU A 237 -15.05 -6.04 16.13
C LEU A 237 -14.39 -5.43 17.37
N GLU A 238 -13.71 -4.29 17.20
CA GLU A 238 -13.06 -3.63 18.32
C GLU A 238 -14.11 -3.07 19.25
N LYS A 239 -15.22 -2.60 18.67
CA LYS A 239 -16.32 -2.00 19.42
C LYS A 239 -17.34 -3.00 19.96
N GLY A 240 -17.12 -4.28 19.71
CA GLY A 240 -18.06 -5.27 20.21
C GLY A 240 -18.25 -6.51 19.37
N THR A 241 -19.15 -6.45 18.39
CA THR A 241 -19.43 -7.61 17.55
C THR A 241 -19.87 -7.24 16.14
N ILE A 242 -20.07 -8.24 15.30
CA ILE A 242 -20.50 -8.02 13.92
C ILE A 242 -21.67 -8.92 13.55
N THR A 243 -22.32 -8.60 12.44
CA THR A 243 -23.47 -9.37 11.96
C THR A 243 -23.03 -10.69 11.36
N GLN A 244 -23.99 -11.58 11.14
CA GLN A 244 -23.68 -12.88 10.57
C GLN A 244 -23.12 -12.76 9.16
N ASN A 245 -23.59 -11.77 8.42
CA ASN A 245 -23.12 -11.54 7.05
C ASN A 245 -21.71 -10.97 7.00
N GLU A 246 -21.38 -10.12 7.96
CA GLU A 246 -20.06 -9.51 8.00
C GLU A 246 -19.03 -10.58 8.34
N ARG A 247 -19.41 -11.49 9.24
CA ARG A 247 -18.53 -12.57 9.65
C ARG A 247 -18.34 -13.52 8.47
N ARG A 248 -19.42 -13.79 7.75
CA ARG A 248 -19.38 -14.67 6.60
C ARG A 248 -18.52 -14.03 5.50
N SER A 249 -18.67 -12.72 5.34
CA SER A 249 -17.92 -11.97 4.34
C SER A 249 -16.42 -11.94 4.62
N VAL A 250 -16.07 -11.71 5.89
CA VAL A 250 -14.66 -11.64 6.26
C VAL A 250 -14.03 -13.03 6.15
N THR A 251 -14.80 -14.06 6.47
CA THR A 251 -14.29 -15.43 6.37
C THR A 251 -13.94 -15.75 4.92
N LYS A 252 -14.88 -15.48 4.02
CA LYS A 252 -14.68 -15.72 2.60
C LYS A 252 -13.54 -14.88 2.05
N LEU A 253 -13.44 -13.64 2.51
CA LEU A 253 -12.37 -12.74 2.04
C LEU A 253 -10.99 -13.26 2.45
N LEU A 254 -10.87 -13.74 3.68
CA LEU A 254 -9.60 -14.27 4.16
C LEU A 254 -9.21 -15.52 3.36
N GLU A 255 -10.19 -16.38 3.05
CA GLU A 255 -9.90 -17.56 2.24
C GLU A 255 -9.45 -17.10 0.86
N ASP A 256 -10.11 -16.06 0.33
CA ASP A 256 -9.75 -15.54 -0.98
C ASP A 256 -8.34 -14.93 -0.95
N LEU A 257 -7.95 -14.38 0.21
CA LEU A 257 -6.62 -13.80 0.34
C LEU A 257 -5.54 -14.89 0.34
N VAL A 258 -5.86 -16.04 0.93
CA VAL A 258 -4.91 -17.16 0.92
C VAL A 258 -4.73 -17.63 -0.53
N TYR A 259 -5.85 -17.87 -1.21
CA TYR A 259 -5.84 -18.32 -2.60
C TYR A 259 -5.07 -17.33 -3.47
N PHE A 260 -5.27 -16.05 -3.19
CA PHE A 260 -4.66 -14.94 -3.90
C PHE A 260 -3.14 -14.89 -3.73
N VAL A 261 -2.68 -14.80 -2.49
CA VAL A 261 -1.25 -14.73 -2.21
C VAL A 261 -0.47 -16.00 -2.57
N THR A 262 -1.13 -17.16 -2.62
CA THR A 262 -0.41 -18.39 -2.99
C THR A 262 -0.65 -18.74 -4.46
N GLY A 263 -1.11 -17.76 -5.24
CA GLY A 263 -1.36 -17.99 -6.66
C GLY A 263 -2.25 -19.19 -6.92
N GLY A 264 -3.19 -19.43 -6.03
CA GLY A 264 -4.10 -20.56 -6.21
C GLY A 264 -3.58 -21.92 -5.77
N THR A 265 -2.41 -21.97 -5.16
CA THR A 265 -1.89 -23.27 -4.74
C THR A 265 -2.48 -23.75 -3.42
N ASN A 266 -3.04 -22.82 -2.64
CA ASN A 266 -3.68 -23.15 -1.36
C ASN A 266 -5.02 -22.43 -1.23
N SER A 267 -5.99 -23.08 -0.61
CA SER A 267 -7.31 -22.49 -0.41
C SER A 267 -7.48 -22.00 1.02
N GLY A 268 -6.65 -22.55 1.92
CA GLY A 268 -6.75 -22.19 3.33
C GLY A 268 -7.85 -22.96 4.05
N GLN A 269 -8.39 -23.99 3.40
CA GLN A 269 -9.47 -24.78 3.99
C GLN A 269 -9.01 -25.95 4.85
N ASP A 270 -7.74 -26.30 4.76
CA ASP A 270 -7.19 -27.38 5.57
C ASP A 270 -5.71 -27.15 5.72
N VAL A 271 -5.13 -27.89 6.67
CA VAL A 271 -3.72 -27.84 7.02
C VAL A 271 -2.80 -28.66 6.08
N LEU A 272 -3.26 -29.83 5.66
CA LEU A 272 -2.45 -30.70 4.82
C LEU A 272 -1.92 -30.10 3.52
N GLU A 273 -2.70 -29.23 2.90
CA GLU A 273 -2.30 -28.60 1.64
C GLU A 273 -1.08 -27.68 1.76
N VAL A 274 -0.77 -27.24 2.98
CA VAL A 274 0.34 -26.30 3.15
C VAL A 274 1.66 -26.75 2.52
N VAL A 275 1.86 -28.05 2.41
CA VAL A 275 3.09 -28.59 1.84
C VAL A 275 3.26 -28.17 0.36
N PHE A 276 2.16 -27.90 -0.32
CA PHE A 276 2.23 -27.50 -1.73
C PHE A 276 2.05 -26.01 -1.99
N SER A 277 2.11 -25.20 -0.95
CA SER A 277 1.93 -23.77 -1.14
C SER A 277 3.15 -23.12 -1.80
N LYS A 278 2.89 -22.23 -2.75
CA LYS A 278 3.96 -21.51 -3.44
C LYS A 278 3.54 -20.04 -3.40
N PRO A 279 4.40 -19.16 -2.90
CA PRO A 279 4.04 -17.75 -2.84
C PRO A 279 4.23 -16.96 -4.12
N ASN A 280 3.34 -16.01 -4.34
CA ASN A 280 3.42 -15.11 -5.48
C ASN A 280 4.01 -13.85 -4.82
N ARG A 281 5.29 -13.60 -5.08
CA ARG A 281 5.98 -12.48 -4.46
C ARG A 281 5.32 -11.12 -4.63
N GLU A 282 4.93 -10.77 -5.85
CA GLU A 282 4.31 -9.47 -6.09
C GLU A 282 3.06 -9.31 -5.23
N ARG A 283 2.32 -10.38 -5.01
CA ARG A 283 1.11 -10.30 -4.20
C ARG A 283 1.44 -10.20 -2.72
N GLN A 284 2.48 -10.91 -2.29
CA GLN A 284 2.89 -10.84 -0.89
C GLN A 284 3.26 -9.38 -0.61
N LYS A 285 3.93 -8.76 -1.57
CA LYS A 285 4.36 -7.39 -1.44
C LYS A 285 3.14 -6.49 -1.37
N LEU A 286 2.14 -6.78 -2.21
CA LEU A 286 0.91 -6.01 -2.24
C LEU A 286 0.19 -6.05 -0.88
N MET A 287 0.23 -7.21 -0.22
CA MET A 287 -0.42 -7.40 1.08
C MET A 287 0.14 -6.40 2.10
N ARG A 288 1.45 -6.17 2.05
CA ARG A 288 2.10 -5.25 2.97
C ARG A 288 1.83 -3.81 2.57
N GLU A 289 2.12 -3.50 1.31
CA GLU A 289 1.95 -2.13 0.81
C GLU A 289 0.53 -1.57 0.87
N GLN A 290 -0.48 -2.40 0.60
CA GLN A 290 -1.87 -1.94 0.65
C GLN A 290 -2.52 -2.09 2.02
N ASN A 291 -1.68 -2.24 3.04
CA ASN A 291 -2.13 -2.36 4.42
C ASN A 291 -3.01 -3.54 4.82
N ILE A 292 -3.00 -4.59 4.00
CA ILE A 292 -3.79 -5.77 4.30
C ILE A 292 -3.26 -6.39 5.58
N LEU A 293 -1.94 -6.53 5.67
CA LEU A 293 -1.33 -7.12 6.86
C LEU A 293 -1.64 -6.28 8.09
N LYS A 294 -1.63 -4.97 7.91
CA LYS A 294 -1.93 -4.06 9.01
C LYS A 294 -3.34 -4.33 9.53
N GLN A 295 -4.30 -4.47 8.61
CA GLN A 295 -5.68 -4.72 8.99
C GLN A 295 -5.88 -6.08 9.66
N ILE A 296 -5.09 -7.06 9.25
CA ILE A 296 -5.14 -8.41 9.83
C ILE A 296 -4.77 -8.34 11.32
N PHE A 297 -3.70 -7.62 11.63
CA PHE A 297 -3.30 -7.49 13.03
C PHE A 297 -4.35 -6.74 13.84
N LYS A 298 -5.01 -5.78 13.20
CA LYS A 298 -6.05 -5.01 13.87
C LYS A 298 -7.17 -6.00 14.24
N LEU A 299 -7.44 -6.92 13.31
CA LEU A 299 -8.46 -7.93 13.53
C LEU A 299 -8.05 -8.86 14.66
N LEU A 300 -6.79 -9.33 14.63
CA LEU A 300 -6.31 -10.23 15.68
C LEU A 300 -6.37 -9.57 17.06
N GLN A 301 -6.06 -8.28 17.10
CA GLN A 301 -6.04 -7.51 18.34
C GLN A 301 -7.43 -7.19 18.91
N ALA A 302 -8.40 -7.00 18.02
CA ALA A 302 -9.76 -6.63 18.42
C ALA A 302 -10.33 -7.33 19.66
N PRO A 303 -10.27 -8.67 19.71
CA PRO A 303 -10.81 -9.40 20.86
C PRO A 303 -10.06 -9.24 22.20
N PHE A 304 -8.97 -8.47 22.19
CA PHE A 304 -8.21 -8.26 23.42
C PHE A 304 -8.20 -6.81 23.86
N THR A 305 -8.83 -5.95 23.07
CA THR A 305 -8.88 -4.52 23.37
C THR A 305 -9.87 -4.22 24.48
N HIS A 323 -17.01 -17.58 18.79
CA HIS A 323 -17.33 -19.01 18.81
C HIS A 323 -16.47 -19.72 17.78
N ALA A 324 -17.01 -20.78 17.19
CA ALA A 324 -16.29 -21.55 16.18
C ALA A 324 -15.92 -20.69 14.98
N PRO A 325 -16.85 -19.85 14.50
CA PRO A 325 -16.57 -18.99 13.34
C PRO A 325 -15.51 -17.94 13.66
N PHE A 326 -15.46 -17.51 14.92
CA PHE A 326 -14.46 -16.53 15.33
C PHE A 326 -13.07 -17.15 15.26
N ARG A 327 -12.94 -18.34 15.83
CA ARG A 327 -11.68 -19.08 15.83
C ARG A 327 -11.27 -19.33 14.38
N HIS A 328 -12.25 -19.60 13.53
CA HIS A 328 -12.02 -19.86 12.11
C HIS A 328 -11.40 -18.60 11.49
N ILE A 329 -11.95 -17.44 11.82
CA ILE A 329 -11.44 -16.18 11.30
C ILE A 329 -9.98 -15.95 11.75
N CYS A 330 -9.69 -16.21 13.02
CA CYS A 330 -8.33 -16.03 13.55
C CYS A 330 -7.36 -17.00 12.87
N ARG A 331 -7.79 -18.25 12.72
CA ARG A 331 -6.95 -19.25 12.07
C ARG A 331 -6.58 -18.74 10.66
N LEU A 332 -7.58 -18.24 9.94
CA LEU A 332 -7.37 -17.72 8.59
C LEU A 332 -6.46 -16.48 8.59
N CYS A 333 -6.54 -15.67 9.64
CA CYS A 333 -5.67 -14.50 9.73
C CYS A 333 -4.22 -14.96 9.77
N TYR A 334 -3.92 -15.91 10.65
CA TYR A 334 -2.55 -16.40 10.75
C TYR A 334 -2.12 -17.12 9.47
N ARG A 335 -3.08 -17.69 8.76
CA ARG A 335 -2.78 -18.39 7.51
C ARG A 335 -2.35 -17.35 6.46
N VAL A 336 -3.04 -16.22 6.41
CA VAL A 336 -2.68 -15.17 5.47
C VAL A 336 -1.30 -14.63 5.81
N LEU A 337 -1.03 -14.49 7.11
CA LEU A 337 0.28 -14.02 7.53
C LEU A 337 1.37 -15.02 7.13
N ARG A 338 1.09 -16.31 7.31
CA ARG A 338 2.03 -17.36 6.97
C ARG A 338 2.49 -17.26 5.50
N HIS A 339 1.52 -17.21 4.59
CA HIS A 339 1.85 -17.16 3.18
C HIS A 339 2.35 -15.80 2.71
N SER A 340 2.04 -14.76 3.47
CA SER A 340 2.51 -13.43 3.12
C SER A 340 4.00 -13.28 3.43
N GLN A 341 4.52 -14.09 4.33
CA GLN A 341 5.94 -14.01 4.66
C GLN A 341 6.75 -15.21 4.13
N GLN A 342 6.07 -16.17 3.53
CA GLN A 342 6.74 -17.36 3.02
C GLN A 342 7.87 -17.03 2.05
N ASP A 343 9.10 -17.39 2.44
CA ASP A 343 10.31 -17.16 1.64
C ASP A 343 10.47 -15.70 1.24
N TYR A 344 10.02 -14.79 2.10
CA TYR A 344 10.08 -13.36 1.80
C TYR A 344 10.63 -12.63 3.04
N ARG A 345 11.94 -12.42 3.05
CA ARG A 345 12.61 -11.77 4.18
C ARG A 345 11.98 -10.46 4.64
N LYS A 346 11.73 -9.54 3.70
CA LYS A 346 11.14 -8.26 4.06
C LYS A 346 9.82 -8.43 4.81
N ASN A 347 8.94 -9.32 4.36
CA ASN A 347 7.67 -9.50 5.06
C ASN A 347 7.80 -10.23 6.40
N GLN A 348 8.80 -11.10 6.52
CA GLN A 348 9.01 -11.80 7.78
C GLN A 348 9.36 -10.78 8.87
N GLU A 349 10.25 -9.85 8.55
CA GLU A 349 10.65 -8.84 9.51
C GLU A 349 9.50 -7.89 9.82
N TYR A 350 8.75 -7.52 8.78
CA TYR A 350 7.61 -6.63 8.97
C TYR A 350 6.56 -7.29 9.87
N ILE A 351 6.21 -8.52 9.54
CA ILE A 351 5.21 -9.23 10.32
C ILE A 351 5.64 -9.54 11.75
N ALA A 352 6.91 -9.91 11.94
CA ALA A 352 7.41 -10.19 13.28
C ALA A 352 7.39 -8.92 14.12
N LYS A 353 7.68 -7.79 13.48
CA LYS A 353 7.70 -6.49 14.16
C LYS A 353 6.28 -6.11 14.60
N GLN A 354 5.33 -6.23 13.69
CA GLN A 354 3.94 -5.92 14.00
C GLN A 354 3.40 -6.84 15.10
N PHE A 355 3.83 -8.11 15.10
CA PHE A 355 3.36 -9.07 16.11
C PHE A 355 3.90 -8.62 17.48
N GLY A 356 5.16 -8.21 17.50
CA GLY A 356 5.76 -7.73 18.74
C GLY A 356 5.03 -6.51 19.26
N PHE A 357 4.69 -5.59 18.36
CA PHE A 357 3.96 -4.38 18.75
C PHE A 357 2.58 -4.73 19.30
N MET A 358 1.86 -5.59 18.59
CA MET A 358 0.53 -6.00 19.02
C MET A 358 0.56 -6.58 20.43
N GLN A 359 1.54 -7.43 20.68
CA GLN A 359 1.71 -8.07 21.98
C GLN A 359 1.88 -7.01 23.08
N LYS A 360 2.69 -6.00 22.80
CA LYS A 360 2.93 -4.92 23.76
C LYS A 360 1.69 -4.06 23.91
N GLN A 361 1.04 -3.75 22.80
CA GLN A 361 -0.16 -2.92 22.82
C GLN A 361 -1.27 -3.60 23.61
N ILE A 362 -1.38 -4.91 23.46
CA ILE A 362 -2.40 -5.68 24.16
C ILE A 362 -2.09 -5.77 25.64
N GLY A 363 -0.80 -5.95 25.96
CA GLY A 363 -0.37 -6.08 27.34
C GLY A 363 -0.10 -7.55 27.62
N TYR A 364 1.05 -7.86 28.22
CA TYR A 364 1.41 -9.26 28.49
C TYR A 364 0.61 -9.93 29.60
N ASP A 365 -0.06 -9.14 30.41
CA ASP A 365 -0.82 -9.69 31.54
C ASP A 365 -2.33 -9.66 31.35
N VAL A 366 -2.79 -9.35 30.15
CA VAL A 366 -4.22 -9.27 29.89
C VAL A 366 -5.04 -10.51 30.29
N LEU A 367 -4.47 -11.70 30.09
CA LEU A 367 -5.20 -12.93 30.43
C LEU A 367 -5.22 -13.15 31.94
N ALA A 368 -4.10 -12.89 32.61
CA ALA A 368 -4.06 -13.07 34.06
C ALA A 368 -5.07 -12.13 34.72
N GLU A 369 -5.07 -10.88 34.29
CA GLU A 369 -5.99 -9.88 34.82
C GLU A 369 -7.45 -10.28 34.55
N ASP A 370 -7.69 -10.82 33.36
CA ASP A 370 -9.04 -11.24 32.98
C ASP A 370 -9.50 -12.42 33.84
N THR A 371 -8.60 -13.36 34.11
CA THR A 371 -8.94 -14.51 34.94
C THR A 371 -9.29 -14.06 36.36
N ILE A 372 -8.52 -13.12 36.91
CA ILE A 372 -8.79 -12.60 38.25
C ILE A 372 -10.16 -11.95 38.28
N THR A 373 -10.44 -11.14 37.26
CA THR A 373 -11.71 -10.44 37.15
C THR A 373 -12.86 -11.44 37.07
N ALA A 374 -12.68 -12.48 36.26
CA ALA A 374 -13.72 -13.49 36.11
C ALA A 374 -13.96 -14.22 37.45
N LEU A 375 -12.89 -14.56 38.15
CA LEU A 375 -13.04 -15.27 39.42
C LEU A 375 -13.68 -14.39 40.48
N LEU A 376 -13.37 -13.10 40.44
CA LEU A 376 -13.94 -12.15 41.39
C LEU A 376 -15.45 -12.13 41.21
N HIS A 377 -15.90 -12.36 39.97
CA HIS A 377 -17.33 -12.39 39.68
C HIS A 377 -17.83 -13.84 39.70
N ASN A 378 -17.11 -14.68 40.43
CA ASN A 378 -17.42 -16.09 40.59
C ASN A 378 -17.68 -16.83 39.28
N ASN A 379 -16.62 -16.96 38.49
CA ASN A 379 -16.67 -17.65 37.21
C ASN A 379 -15.29 -18.20 36.88
C1 I3P B . 14.98 -6.90 -0.84
C2 I3P B . 15.99 -5.71 -0.75
C3 I3P B . 15.62 -4.63 -1.76
C4 I3P B . 14.19 -4.12 -1.47
C5 I3P B . 13.19 -5.28 -1.56
C6 I3P B . 13.54 -6.39 -0.54
O1 I3P B . 15.24 -7.97 0.13
O2 I3P B . 15.99 -5.15 0.57
O3 I3P B . 16.53 -3.55 -1.66
O4 I3P B . 13.85 -3.06 -2.45
O5 I3P B . 11.84 -4.77 -1.25
O6 I3P B . 12.63 -7.48 -0.65
P1 I3P B . 16.17 -9.24 -0.14
O11 I3P B . 16.10 -10.04 1.11
O12 I3P B . 17.50 -8.64 -0.43
O13 I3P B . 15.53 -9.79 -1.34
P4 I3P B . 13.78 -1.49 -2.18
O41 I3P B . 12.82 -1.47 -1.05
O42 I3P B . 15.15 -1.15 -1.80
O43 I3P B . 13.34 -0.84 -3.44
P5 I3P B . 10.46 -5.12 -1.99
O51 I3P B . 9.52 -4.28 -1.20
O52 I3P B . 10.69 -4.69 -3.41
O53 I3P B . 10.35 -6.56 -1.78
#